data_7AX0
#
_entry.id   7AX0
#
_cell.length_a   88.270
_cell.length_b   88.270
_cell.length_c   194.987
_cell.angle_alpha   90.000
_cell.angle_beta   90.000
_cell.angle_gamma   120.000
#
_symmetry.space_group_name_H-M   'P 61 2 2'
#
loop_
_entity.id
_entity.type
_entity.pdbx_description
1 polymer SconeE
2 non-polymer 'Keggin (STA)'
3 non-polymer 'PHOSPHATE ION'
4 water water
#
_entity_poly.entity_id   1
_entity_poly.type   'polypeptide(L)'
_entity_poly.pdbx_seq_one_letter_code
;GSHMDGTEKWRFKTNDAITSAASIGKDGTIYFGSDKVYAINPDGTEKWNFYAGYWTVTRPAISEDGTIYVTSLDGHLYAI
NPDGTEKWRFKTEKRIESSPVIGNTDTIYFGSYDGHLYAINPDGTEKWRFKTNDAITSAASIGKDGTIYFGSDKVYAINP
DGTEKWNFYAGYWTVTRPAISEDGTIYVTSLDGHLYAINPDGTEKWRFKTEKRIESSPVIGNTDTIYFGSYDGHLYAINP
DGTEKWRFKTNDAITSAASIGKDGTIYFGSDKVYAINPDGTEKWNFYAGYWTVTRPAISEDGTIYVTSLDGHLYAINPDG
TEKWRFKTEKRIESSPVIGNTDTIYFGSYDGHLYAINP
;
_entity_poly.pdbx_strand_id   A
#
# COMPACT_ATOMS: atom_id res chain seq x y z
N ARG A 11 16.26 -12.22 -15.45
CA ARG A 11 15.98 -12.33 -14.01
C ARG A 11 17.28 -12.52 -13.20
N PHE A 12 17.14 -13.03 -11.98
CA PHE A 12 18.07 -12.85 -10.88
C PHE A 12 17.57 -13.73 -9.73
N LYS A 13 18.44 -13.98 -8.76
CA LYS A 13 18.05 -14.75 -7.58
C LYS A 13 17.11 -13.90 -6.71
N THR A 14 15.87 -14.38 -6.52
CA THR A 14 14.87 -13.62 -5.78
C THR A 14 14.58 -14.25 -4.42
N ASN A 15 13.81 -13.52 -3.63
CA ASN A 15 13.51 -13.88 -2.24
C ASN A 15 12.05 -14.26 -2.07
N ASP A 16 11.13 -13.29 -2.06
CA ASP A 16 9.66 -13.42 -2.05
C ASP A 16 9.09 -13.82 -0.70
N ALA A 17 9.90 -14.22 0.28
CA ALA A 17 9.35 -14.78 1.50
C ALA A 17 9.10 -13.73 2.57
N ILE A 18 8.86 -12.48 2.19
CA ILE A 18 8.87 -11.40 3.17
C ILE A 18 7.48 -11.18 3.75
N THR A 19 7.40 -10.38 4.82
CA THR A 19 6.18 -10.17 5.56
C THR A 19 5.48 -8.92 5.05
N SER A 20 4.16 -8.95 5.07
CA SER A 20 3.35 -7.86 4.51
C SER A 20 3.13 -6.77 5.57
N ALA A 21 2.73 -5.60 5.08
CA ALA A 21 2.21 -4.53 5.94
C ALA A 21 0.93 -4.99 6.63
N ALA A 22 0.60 -4.32 7.75
CA ALA A 22 -0.60 -4.63 8.50
C ALA A 22 -1.77 -3.73 8.07
N SER A 23 -2.98 -4.21 8.34
CA SER A 23 -4.17 -3.39 8.21
C SER A 23 -5.08 -3.76 9.38
N ILE A 24 -5.96 -2.82 9.75
CA ILE A 24 -6.70 -2.89 11.01
C ILE A 24 -8.20 -2.98 10.72
N GLY A 25 -8.87 -3.94 11.36
CA GLY A 25 -10.31 -4.03 11.29
C GLY A 25 -11.02 -3.01 12.16
N LYS A 26 -12.35 -3.01 12.05
CA LYS A 26 -13.17 -2.07 12.80
C LYS A 26 -13.14 -2.32 14.30
N ASP A 27 -13.01 -3.58 14.72
CA ASP A 27 -12.86 -3.92 16.13
C ASP A 27 -11.42 -3.84 16.62
N GLY A 28 -10.51 -3.32 15.80
CA GLY A 28 -9.12 -3.22 16.21
C GLY A 28 -8.27 -4.45 15.97
N THR A 29 -8.86 -5.53 15.45
CA THR A 29 -8.07 -6.67 15.01
C THR A 29 -7.05 -6.24 13.97
N ILE A 30 -5.84 -6.76 14.09
CA ILE A 30 -4.74 -6.43 13.19
C ILE A 30 -4.46 -7.64 12.32
N TYR A 31 -4.49 -7.46 11.01
CA TYR A 31 -4.29 -8.52 10.05
C TYR A 31 -3.01 -8.25 9.27
N PHE A 32 -2.22 -9.28 9.08
CA PHE A 32 -1.10 -9.20 8.14
C PHE A 32 -0.85 -10.60 7.59
N GLY A 33 -0.01 -10.69 6.57
CA GLY A 33 0.28 -11.94 5.92
C GLY A 33 1.76 -12.29 5.92
N SER A 34 2.05 -13.58 6.02
CA SER A 34 3.42 -14.07 5.96
C SER A 34 3.41 -15.49 5.42
N ASP A 35 3.90 -16.44 6.21
CA ASP A 35 3.66 -17.84 5.94
C ASP A 35 2.19 -18.19 6.08
N LYS A 36 1.43 -17.40 6.84
CA LYS A 36 -0.02 -17.49 6.90
C LYS A 36 -0.58 -16.08 7.03
N VAL A 37 -1.91 -16.00 7.00
CA VAL A 37 -2.63 -14.79 7.31
C VAL A 37 -2.96 -14.81 8.79
N TYR A 38 -2.37 -13.90 9.56
CA TYR A 38 -2.60 -13.80 10.99
C TYR A 38 -3.61 -12.71 11.30
N ALA A 39 -4.52 -13.01 12.20
CA ALA A 39 -5.38 -12.03 12.82
C ALA A 39 -4.95 -11.90 14.28
N ILE A 40 -4.53 -10.70 14.70
CA ILE A 40 -3.94 -10.49 16.02
C ILE A 40 -4.86 -9.57 16.81
N ASN A 41 -5.09 -9.92 18.08
CA ASN A 41 -5.89 -9.08 18.98
C ASN A 41 -5.16 -7.81 19.38
N PRO A 42 -5.89 -6.77 19.77
CA PRO A 42 -5.24 -5.55 20.27
C PRO A 42 -4.31 -5.78 21.47
N ASP A 43 -4.40 -6.90 22.19
CA ASP A 43 -3.44 -7.18 23.25
C ASP A 43 -2.24 -7.96 22.78
N GLY A 44 -2.11 -8.20 21.47
CA GLY A 44 -0.97 -8.94 21.00
C GLY A 44 -1.12 -10.45 20.99
N THR A 45 -2.29 -10.99 21.33
CA THR A 45 -2.52 -12.41 21.21
C THR A 45 -3.14 -12.75 19.85
N GLU A 46 -2.71 -13.87 19.29
CA GLU A 46 -3.27 -14.37 18.03
C GLU A 46 -4.74 -14.71 18.22
N LYS A 47 -5.60 -14.09 17.41
CA LYS A 47 -7.01 -14.44 17.39
C LYS A 47 -7.28 -15.62 16.46
N TRP A 48 -6.73 -15.59 15.25
CA TRP A 48 -6.75 -16.82 14.46
C TRP A 48 -5.68 -16.76 13.39
N ASN A 49 -5.73 -17.75 12.53
CA ASN A 49 -4.67 -18.18 11.66
C ASN A 49 -5.36 -18.70 10.41
N PHE A 50 -4.89 -18.32 9.21
CA PHE A 50 -5.57 -18.75 7.98
C PHE A 50 -4.51 -19.10 6.95
N TYR A 51 -4.62 -20.29 6.37
CA TYR A 51 -3.66 -20.73 5.34
C TYR A 51 -4.14 -20.21 3.98
N ALA A 52 -3.39 -19.28 3.38
CA ALA A 52 -3.78 -18.72 2.09
C ALA A 52 -2.73 -19.06 1.03
N GLY A 53 -2.46 -20.34 0.84
CA GLY A 53 -1.38 -20.71 -0.04
C GLY A 53 -0.06 -20.68 0.68
N TYR A 54 1.01 -20.79 -0.10
CA TYR A 54 2.31 -21.01 0.52
C TYR A 54 2.92 -19.74 1.09
N TRP A 55 2.56 -18.57 0.56
CA TRP A 55 3.07 -17.31 1.09
C TRP A 55 2.22 -16.13 0.59
N THR A 56 2.12 -15.12 1.43
CA THR A 56 1.43 -13.86 1.16
C THR A 56 2.37 -12.71 1.48
N VAL A 57 2.58 -11.83 0.51
CA VAL A 57 3.41 -10.65 0.71
C VAL A 57 2.60 -9.36 0.69
N THR A 58 1.28 -9.44 0.57
CA THR A 58 0.47 -8.26 0.28
C THR A 58 -0.36 -7.87 1.50
N ARG A 59 -0.67 -6.59 1.59
CA ARG A 59 -1.44 -6.07 2.71
C ARG A 59 -2.91 -6.46 2.56
N PRO A 60 -3.56 -6.99 3.61
CA PRO A 60 -4.99 -7.30 3.50
C PRO A 60 -5.84 -6.05 3.36
N ALA A 61 -6.96 -6.18 2.63
CA ALA A 61 -7.95 -5.12 2.52
C ALA A 61 -9.20 -5.54 3.27
N ILE A 62 -9.74 -4.64 4.07
CA ILE A 62 -10.86 -4.98 4.95
C ILE A 62 -12.09 -4.27 4.45
N SER A 63 -13.15 -5.03 4.21
CA SER A 63 -14.42 -4.50 3.73
C SER A 63 -15.24 -3.96 4.89
N GLU A 64 -16.21 -3.10 4.56
CA GLU A 64 -17.10 -2.53 5.57
C GLU A 64 -17.98 -3.58 6.25
N ASP A 65 -18.11 -4.77 5.67
CA ASP A 65 -18.84 -5.85 6.33
C ASP A 65 -17.90 -6.79 7.09
N GLY A 66 -16.60 -6.47 7.17
CA GLY A 66 -15.64 -7.30 7.90
C GLY A 66 -14.86 -8.29 7.06
N THR A 67 -15.28 -8.55 5.82
CA THR A 67 -14.53 -9.46 4.97
C THR A 67 -13.11 -8.96 4.81
N ILE A 68 -12.17 -9.88 4.91
CA ILE A 68 -10.75 -9.61 4.75
C ILE A 68 -10.31 -10.23 3.44
N TYR A 69 -9.72 -9.43 2.57
CA TYR A 69 -9.30 -9.84 1.26
C TYR A 69 -7.78 -9.94 1.24
N VAL A 70 -7.29 -11.07 0.74
CA VAL A 70 -5.87 -11.32 0.71
C VAL A 70 -5.53 -11.85 -0.66
N THR A 71 -4.49 -11.30 -1.28
CA THR A 71 -3.95 -11.88 -2.50
C THR A 71 -2.70 -12.67 -2.15
N SER A 72 -2.53 -13.81 -2.82
CA SER A 72 -1.53 -14.81 -2.46
C SER A 72 -0.55 -15.05 -3.59
N LEU A 73 0.67 -15.44 -3.22
CA LEU A 73 1.62 -15.89 -4.22
C LEU A 73 1.16 -17.17 -4.91
N ASP A 74 0.17 -17.87 -4.33
CA ASP A 74 -0.38 -19.05 -4.97
C ASP A 74 -1.41 -18.73 -6.05
N GLY A 75 -1.63 -17.46 -6.39
CA GLY A 75 -2.52 -17.08 -7.48
C GLY A 75 -3.96 -16.73 -7.13
N HIS A 76 -4.38 -16.89 -5.88
CA HIS A 76 -5.77 -16.63 -5.51
C HIS A 76 -5.93 -15.30 -4.78
N LEU A 77 -7.08 -14.67 -5.02
CA LEU A 77 -7.65 -13.73 -4.07
C LEU A 77 -8.56 -14.49 -3.12
N TYR A 78 -8.20 -14.49 -1.84
CA TYR A 78 -9.01 -15.10 -0.79
C TYR A 78 -9.92 -14.04 -0.18
N ALA A 79 -11.17 -14.41 0.05
CA ALA A 79 -12.07 -13.62 0.90
C ALA A 79 -12.27 -14.43 2.17
N ILE A 80 -11.91 -13.82 3.31
CA ILE A 80 -11.88 -14.48 4.61
C ILE A 80 -12.93 -13.81 5.49
N ASN A 81 -13.75 -14.61 6.17
CA ASN A 81 -14.72 -14.06 7.10
C ASN A 81 -14.02 -13.58 8.37
N PRO A 82 -14.66 -12.69 9.14
CA PRO A 82 -14.08 -12.28 10.44
C PRO A 82 -13.68 -13.43 11.35
N ASP A 83 -14.37 -14.58 11.28
CA ASP A 83 -14.03 -15.70 12.15
C ASP A 83 -12.88 -16.53 11.63
N GLY A 84 -12.34 -16.21 10.47
CA GLY A 84 -11.19 -16.94 9.99
C GLY A 84 -11.51 -18.05 9.02
N THR A 85 -12.77 -18.21 8.66
CA THR A 85 -13.15 -19.18 7.64
C THR A 85 -13.16 -18.54 6.25
N GLU A 86 -12.97 -19.37 5.23
CA GLU A 86 -12.97 -18.91 3.86
C GLU A 86 -14.39 -18.61 3.38
N LYS A 87 -14.60 -17.39 2.88
CA LYS A 87 -15.86 -17.08 2.23
C LYS A 87 -15.85 -17.54 0.78
N TRP A 88 -14.78 -17.22 0.05
CA TRP A 88 -14.57 -17.77 -1.29
C TRP A 88 -13.12 -17.50 -1.65
N ARG A 89 -12.69 -18.12 -2.76
CA ARG A 89 -11.40 -17.84 -3.35
C ARG A 89 -11.58 -17.61 -4.84
N PHE A 90 -10.79 -16.70 -5.40
CA PHE A 90 -10.86 -16.39 -6.82
C PHE A 90 -9.51 -16.71 -7.44
N LYS A 91 -9.51 -17.51 -8.49
CA LYS A 91 -8.28 -18.11 -8.99
C LYS A 91 -7.74 -17.39 -10.20
N THR A 92 -6.44 -17.14 -10.18
CA THR A 92 -5.66 -16.81 -11.36
C THR A 92 -4.57 -17.88 -11.47
N GLU A 93 -3.92 -17.93 -12.61
CA GLU A 93 -2.94 -19.03 -12.86
C GLU A 93 -1.53 -18.58 -12.49
N LYS A 94 -1.39 -17.35 -12.03
CA LYS A 94 -0.10 -16.74 -11.69
C LYS A 94 -0.12 -16.17 -10.25
N ARG A 95 1.04 -15.87 -9.73
CA ARG A 95 1.33 -15.25 -8.43
C ARG A 95 0.82 -13.81 -8.45
N ILE A 96 0.35 -13.40 -7.31
CA ILE A 96 -0.09 -12.03 -7.08
C ILE A 96 0.83 -11.40 -6.05
N GLU A 97 1.50 -10.31 -6.43
CA GLU A 97 2.22 -9.45 -5.51
C GLU A 97 1.55 -8.09 -5.33
N SER A 98 0.32 -7.92 -5.82
CA SER A 98 -0.39 -6.64 -5.82
C SER A 98 -1.45 -6.65 -4.72
N SER A 99 -1.39 -5.67 -3.81
CA SER A 99 -2.34 -5.62 -2.69
C SER A 99 -3.73 -5.29 -3.19
N PRO A 100 -4.77 -5.95 -2.67
CA PRO A 100 -6.13 -5.68 -3.15
C PRO A 100 -6.68 -4.38 -2.61
N VAL A 101 -7.46 -3.69 -3.46
CA VAL A 101 -8.11 -2.42 -3.10
C VAL A 101 -9.60 -2.54 -3.36
N ILE A 102 -10.41 -2.05 -2.44
CA ILE A 102 -11.86 -2.03 -2.59
C ILE A 102 -12.27 -0.65 -3.04
N GLY A 103 -13.12 -0.59 -4.06
CA GLY A 103 -13.49 0.72 -4.56
C GLY A 103 -14.79 0.65 -5.30
N ASN A 104 -15.25 1.83 -5.70
CA ASN A 104 -16.55 1.96 -6.32
C ASN A 104 -17.56 1.30 -5.36
N THR A 105 -18.36 0.35 -5.80
CA THR A 105 -19.40 -0.24 -4.96
C THR A 105 -19.02 -1.68 -4.63
N ASP A 106 -18.03 -1.82 -3.76
CA ASP A 106 -17.57 -3.07 -3.17
C ASP A 106 -16.79 -3.96 -4.13
N THR A 107 -16.39 -3.43 -5.30
CA THR A 107 -15.56 -4.19 -6.22
C THR A 107 -14.14 -4.25 -5.68
N ILE A 108 -13.48 -5.40 -5.88
CA ILE A 108 -12.11 -5.60 -5.45
C ILE A 108 -11.20 -5.61 -6.68
N TYR A 109 -10.16 -4.76 -6.66
CA TYR A 109 -9.19 -4.63 -7.75
C TYR A 109 -7.78 -5.11 -7.36
N PHE A 110 -7.15 -5.89 -8.24
CA PHE A 110 -5.75 -6.23 -7.99
C PHE A 110 -5.11 -6.50 -9.33
N GLY A 111 -3.80 -6.23 -9.40
CA GLY A 111 -3.01 -6.60 -10.57
C GLY A 111 -2.40 -7.99 -10.46
N SER A 112 -2.11 -8.56 -11.63
CA SER A 112 -1.70 -9.94 -11.71
C SER A 112 -0.39 -10.06 -12.45
N TYR A 113 0.33 -11.13 -12.15
CA TYR A 113 1.49 -11.45 -12.96
C TYR A 113 1.12 -11.95 -14.35
N ASP A 114 -0.16 -12.22 -14.64
CA ASP A 114 -0.56 -12.57 -16.01
C ASP A 114 -0.83 -11.35 -16.90
N GLY A 115 -0.53 -10.15 -16.42
CA GLY A 115 -0.66 -8.95 -17.22
C GLY A 115 -1.96 -8.20 -17.06
N HIS A 116 -2.89 -8.71 -16.26
CA HIS A 116 -4.23 -8.15 -16.15
C HIS A 116 -4.47 -7.45 -14.82
N LEU A 117 -5.15 -6.31 -14.89
CA LEU A 117 -5.86 -5.76 -13.74
C LEU A 117 -7.22 -6.43 -13.62
N TYR A 118 -7.48 -7.05 -12.48
CA TYR A 118 -8.73 -7.77 -12.23
C TYR A 118 -9.72 -6.91 -11.46
N ALA A 119 -11.00 -7.00 -11.83
CA ALA A 119 -12.08 -6.41 -11.05
C ALA A 119 -13.00 -7.54 -10.65
N ILE A 120 -13.19 -7.72 -9.34
CA ILE A 120 -13.87 -8.88 -8.78
C ILE A 120 -15.10 -8.40 -8.05
N ASN A 121 -16.23 -9.05 -8.30
CA ASN A 121 -17.45 -8.72 -7.57
C ASN A 121 -17.36 -9.24 -6.14
N PRO A 122 -18.15 -8.68 -5.22
CA PRO A 122 -18.14 -9.17 -3.84
C PRO A 122 -18.49 -10.64 -3.69
N ASP A 123 -19.15 -11.26 -4.68
CA ASP A 123 -19.46 -12.69 -4.58
C ASP A 123 -18.36 -13.59 -5.12
N GLY A 124 -17.19 -13.06 -5.45
CA GLY A 124 -16.11 -13.91 -5.90
C GLY A 124 -16.08 -14.18 -7.39
N THR A 125 -16.94 -13.55 -8.17
CA THR A 125 -16.92 -13.74 -9.62
C THR A 125 -16.21 -12.58 -10.29
N GLU A 126 -15.60 -12.88 -11.44
CA GLU A 126 -14.89 -11.87 -12.19
C GLU A 126 -15.87 -10.86 -12.79
N LYS A 127 -15.61 -9.57 -12.55
CA LYS A 127 -16.39 -8.50 -13.18
C LYS A 127 -15.81 -8.14 -14.54
N TRP A 128 -14.53 -7.82 -14.59
CA TRP A 128 -13.79 -7.74 -15.86
C TRP A 128 -12.31 -7.84 -15.55
N ARG A 129 -11.53 -7.99 -16.62
CA ARG A 129 -10.08 -7.88 -16.67
C ARG A 129 -9.67 -6.83 -17.69
N PHE A 130 -8.56 -6.13 -17.43
CA PHE A 130 -7.95 -5.22 -18.39
C PHE A 130 -6.52 -5.67 -18.67
N LYS A 131 -6.23 -5.96 -19.94
CA LYS A 131 -4.96 -6.60 -20.32
C LYS A 131 -3.83 -5.59 -20.53
N THR A 132 -2.65 -5.91 -19.99
CA THR A 132 -1.41 -5.25 -20.35
C THR A 132 -0.42 -6.31 -20.79
N ASN A 133 0.80 -5.88 -21.13
CA ASN A 133 1.79 -6.78 -21.72
C ASN A 133 2.86 -7.27 -20.76
N ASP A 134 2.81 -6.84 -19.49
CA ASP A 134 3.77 -7.29 -18.49
C ASP A 134 3.07 -7.46 -17.15
N ALA A 135 3.73 -8.19 -16.26
CA ALA A 135 3.22 -8.35 -14.90
C ALA A 135 2.93 -7.00 -14.28
N ILE A 136 1.82 -6.93 -13.54
CA ILE A 136 1.49 -5.82 -12.66
C ILE A 136 1.81 -6.29 -11.24
N THR A 137 2.63 -5.53 -10.52
CA THR A 137 2.96 -5.86 -9.13
C THR A 137 2.42 -4.84 -8.15
N SER A 138 1.83 -3.75 -8.63
CA SER A 138 1.45 -2.60 -7.82
C SER A 138 -0.07 -2.58 -7.61
N ALA A 139 -0.50 -1.88 -6.58
CA ALA A 139 -1.91 -1.76 -6.23
C ALA A 139 -2.58 -0.60 -6.98
N ALA A 140 -3.91 -0.62 -7.05
CA ALA A 140 -4.65 0.38 -7.79
C ALA A 140 -5.23 1.45 -6.86
N SER A 141 -5.69 2.57 -7.45
CA SER A 141 -6.41 3.60 -6.72
C SER A 141 -7.63 4.06 -7.52
N ILE A 142 -8.67 4.50 -6.83
CA ILE A 142 -9.96 4.81 -7.46
C ILE A 142 -10.33 6.26 -7.16
N GLY A 143 -10.56 7.04 -8.22
CA GLY A 143 -11.01 8.42 -8.05
C GLY A 143 -12.51 8.55 -7.80
N LYS A 144 -12.93 9.80 -7.55
CA LYS A 144 -14.31 10.08 -7.13
C LYS A 144 -15.34 9.68 -8.19
N ASP A 145 -15.00 9.78 -9.48
CA ASP A 145 -15.90 9.30 -10.53
C ASP A 145 -15.81 7.80 -10.78
N GLY A 146 -14.98 7.09 -10.01
CA GLY A 146 -14.83 5.67 -10.18
C GLY A 146 -13.70 5.22 -11.09
N THR A 147 -12.91 6.14 -11.66
CA THR A 147 -11.80 5.72 -12.52
C THR A 147 -10.78 4.97 -11.66
N ILE A 148 -10.18 3.94 -12.24
CA ILE A 148 -9.23 3.07 -11.56
C ILE A 148 -7.86 3.34 -12.16
N TYR A 149 -6.93 3.81 -11.33
CA TYR A 149 -5.56 4.06 -11.80
C TYR A 149 -4.57 3.07 -11.19
N PHE A 150 -3.64 2.60 -12.01
CA PHE A 150 -2.51 1.80 -11.57
C PHE A 150 -1.35 2.04 -12.52
N GLY A 151 -0.14 1.65 -12.10
CA GLY A 151 1.04 1.78 -12.94
C GLY A 151 1.81 0.49 -13.13
N SER A 152 2.45 0.33 -14.29
CA SER A 152 3.44 -0.71 -14.56
C SER A 152 4.42 -0.17 -15.58
N ASP A 153 4.29 -0.53 -16.86
CA ASP A 153 5.08 0.13 -17.90
C ASP A 153 4.54 1.52 -18.22
N LYS A 154 3.29 1.81 -17.88
CA LYS A 154 2.74 3.16 -17.94
C LYS A 154 1.71 3.30 -16.84
N VAL A 155 1.25 4.51 -16.64
CA VAL A 155 0.11 4.78 -15.77
C VAL A 155 -1.16 4.65 -16.61
N TYR A 156 -2.08 3.80 -16.16
CA TYR A 156 -3.34 3.53 -16.84
C TYR A 156 -4.48 4.13 -16.04
N ALA A 157 -5.42 4.73 -16.76
CA ALA A 157 -6.68 5.16 -16.19
C ALA A 157 -7.75 4.29 -16.84
N ILE A 158 -8.45 3.51 -16.03
CA ILE A 158 -9.40 2.53 -16.52
C ILE A 158 -10.78 3.01 -16.14
N ASN A 159 -11.71 3.00 -17.10
CA ASN A 159 -13.09 3.31 -16.83
C ASN A 159 -13.71 2.22 -15.94
N PRO A 160 -14.76 2.56 -15.17
CA PRO A 160 -15.44 1.53 -14.36
C PRO A 160 -15.89 0.32 -15.16
N ASP A 161 -16.20 0.45 -16.45
CA ASP A 161 -16.54 -0.73 -17.25
C ASP A 161 -15.33 -1.51 -17.73
N GLY A 162 -14.11 -1.17 -17.29
CA GLY A 162 -12.95 -1.95 -17.69
C GLY A 162 -12.32 -1.55 -19.02
N THR A 163 -12.75 -0.46 -19.64
CA THR A 163 -12.11 0.00 -20.85
C THR A 163 -11.09 1.07 -20.51
N GLU A 164 -10.03 1.12 -21.31
CA GLU A 164 -8.99 2.11 -21.07
C GLU A 164 -9.50 3.50 -21.38
N LYS A 165 -9.32 4.41 -20.43
CA LYS A 165 -9.65 5.80 -20.61
C LYS A 165 -8.46 6.62 -21.13
N TRP A 166 -7.28 6.43 -20.58
CA TRP A 166 -6.05 6.99 -21.15
C TRP A 166 -4.85 6.28 -20.51
N ASN A 167 -3.67 6.66 -20.97
CA ASN A 167 -2.44 6.20 -20.35
C ASN A 167 -1.41 7.30 -20.44
N PHE A 168 -0.36 7.17 -19.63
CA PHE A 168 0.56 8.26 -19.37
C PHE A 168 1.92 7.64 -19.11
N TYR A 169 2.95 8.19 -19.75
CA TYR A 169 4.31 7.67 -19.63
C TYR A 169 4.99 8.46 -18.51
N ALA A 170 5.28 7.78 -17.40
CA ALA A 170 5.96 8.40 -16.28
C ALA A 170 7.28 7.71 -16.01
N GLY A 171 8.17 7.66 -17.00
CA GLY A 171 9.44 6.98 -16.82
C GLY A 171 9.36 5.52 -17.19
N TYR A 172 10.50 4.83 -17.03
CA TYR A 172 10.56 3.50 -17.61
C TYR A 172 9.66 2.50 -16.88
N TRP A 173 9.37 2.70 -15.60
CA TRP A 173 8.53 1.75 -14.85
C TRP A 173 8.07 2.36 -13.53
N THR A 174 6.91 1.88 -13.06
CA THR A 174 6.32 2.34 -11.80
C THR A 174 5.93 1.11 -11.01
N VAL A 175 6.27 1.08 -9.72
CA VAL A 175 5.91 -0.06 -8.85
C VAL A 175 5.06 0.37 -7.66
N THR A 176 4.51 1.58 -7.66
CA THR A 176 3.84 2.14 -6.50
C THR A 176 2.38 2.37 -6.80
N ARG A 177 1.63 2.77 -5.75
CA ARG A 177 0.19 3.02 -5.78
C ARG A 177 -0.11 4.50 -6.00
N PRO A 178 -0.95 4.89 -6.97
CA PRO A 178 -1.24 6.33 -7.13
C PRO A 178 -1.98 6.87 -5.92
N ALA A 179 -1.80 8.16 -5.65
CA ALA A 179 -2.65 8.88 -4.71
C ALA A 179 -3.47 9.90 -5.49
N ILE A 180 -4.68 10.17 -5.02
CA ILE A 180 -5.61 11.05 -5.74
C ILE A 180 -6.06 12.13 -4.79
N SER A 181 -5.86 13.38 -5.19
CA SER A 181 -6.22 14.49 -4.33
C SER A 181 -7.71 14.78 -4.44
N GLU A 182 -8.20 15.60 -3.50
CA GLU A 182 -9.57 16.11 -3.56
C GLU A 182 -9.86 16.79 -4.90
N ASP A 183 -8.90 17.54 -5.45
CA ASP A 183 -9.14 18.21 -6.72
C ASP A 183 -8.92 17.31 -7.93
N GLY A 184 -8.72 16.00 -7.73
CA GLY A 184 -8.65 15.05 -8.83
C GLY A 184 -7.27 14.81 -9.42
N THR A 185 -6.24 15.54 -8.99
CA THR A 185 -4.87 15.29 -9.43
C THR A 185 -4.41 13.90 -8.99
N ILE A 186 -3.81 13.16 -9.92
CA ILE A 186 -3.28 11.84 -9.66
C ILE A 186 -1.76 11.95 -9.48
N TYR A 187 -1.25 11.44 -8.36
CA TYR A 187 0.17 11.45 -8.04
C TYR A 187 0.76 10.06 -8.18
N VAL A 188 1.86 9.95 -8.91
CA VAL A 188 2.53 8.68 -9.15
C VAL A 188 4.02 8.89 -8.90
N THR A 189 4.59 8.07 -8.00
CA THR A 189 6.04 8.06 -7.80
C THR A 189 6.64 6.98 -8.69
N SER A 190 7.69 7.35 -9.43
CA SER A 190 8.26 6.54 -10.49
C SER A 190 9.63 6.00 -10.12
N LEU A 191 10.02 4.89 -10.74
CA LEU A 191 11.39 4.41 -10.58
C LEU A 191 12.40 5.36 -11.21
N ASP A 192 11.96 6.28 -12.06
CA ASP A 192 12.93 7.21 -12.62
C ASP A 192 13.23 8.38 -11.68
N GLY A 193 12.75 8.34 -10.44
CA GLY A 193 13.05 9.37 -9.44
C GLY A 193 12.08 10.53 -9.35
N HIS A 194 11.04 10.58 -10.18
CA HIS A 194 10.13 11.72 -10.23
C HIS A 194 8.85 11.43 -9.44
N LEU A 195 8.30 12.46 -8.82
CA LEU A 195 6.91 12.46 -8.46
C LEU A 195 6.16 13.16 -9.59
N TYR A 196 5.26 12.45 -10.25
CA TYR A 196 4.41 13.04 -11.29
C TYR A 196 3.06 13.46 -10.72
N ALA A 197 2.64 14.67 -11.04
CA ALA A 197 1.26 15.12 -10.85
C ALA A 197 0.56 15.10 -12.20
N ILE A 198 -0.53 14.36 -12.29
CA ILE A 198 -1.22 14.12 -13.55
C ILE A 198 -2.62 14.69 -13.43
N ASN A 199 -3.04 15.44 -14.44
CA ASN A 199 -4.41 15.92 -14.47
C ASN A 199 -5.34 14.76 -14.81
N PRO A 200 -6.62 14.86 -14.41
CA PRO A 200 -7.59 13.79 -14.72
C PRO A 200 -7.72 13.46 -16.21
N ASP A 201 -7.34 14.35 -17.12
CA ASP A 201 -7.41 14.03 -18.54
C ASP A 201 -6.17 13.33 -19.06
N GLY A 202 -5.16 13.09 -18.22
CA GLY A 202 -3.99 12.36 -18.65
C GLY A 202 -2.81 13.21 -19.04
N THR A 203 -2.90 14.53 -18.89
CA THR A 203 -1.83 15.46 -19.19
C THR A 203 -1.03 15.73 -17.91
N GLU A 204 0.28 15.88 -18.09
CA GLU A 204 1.16 16.14 -16.96
C GLU A 204 0.90 17.53 -16.39
N LYS A 205 0.62 17.59 -15.08
CA LYS A 205 0.52 18.88 -14.42
C LYS A 205 1.91 19.41 -14.06
N TRP A 206 2.70 18.61 -13.33
CA TRP A 206 4.11 18.89 -13.11
C TRP A 206 4.82 17.60 -12.74
N ARG A 207 6.15 17.71 -12.58
CA ARG A 207 6.99 16.59 -12.12
C ARG A 207 8.05 17.13 -11.17
N PHE A 208 8.30 16.41 -10.07
CA PHE A 208 9.29 16.78 -9.06
C PHE A 208 10.38 15.72 -9.03
N LYS A 209 11.65 16.14 -9.07
CA LYS A 209 12.75 15.20 -9.31
C LYS A 209 13.58 14.92 -8.06
N THR A 210 13.95 13.66 -7.97
CA THR A 210 14.97 13.16 -7.03
C THR A 210 16.03 12.46 -7.88
N GLU A 211 17.16 12.13 -7.30
CA GLU A 211 18.21 11.53 -8.14
C GLU A 211 18.15 10.03 -8.01
N LYS A 212 17.21 9.50 -7.26
CA LYS A 212 17.23 8.05 -7.03
C LYS A 212 15.86 7.44 -7.28
N ARG A 213 15.81 6.11 -7.28
CA ARG A 213 14.55 5.37 -7.48
C ARG A 213 13.59 5.60 -6.33
N ILE A 214 12.30 5.48 -6.62
CA ILE A 214 11.25 5.60 -5.60
C ILE A 214 10.40 4.32 -5.63
N GLU A 215 10.34 3.63 -4.49
CA GLU A 215 9.44 2.49 -4.30
C GLU A 215 8.35 2.80 -3.29
N SER A 216 8.28 4.03 -2.81
CA SER A 216 7.35 4.45 -1.79
C SER A 216 6.15 5.10 -2.47
N SER A 217 4.97 4.55 -2.24
CA SER A 217 3.77 5.16 -2.78
C SER A 217 3.52 6.51 -2.11
N PRO A 218 3.09 7.52 -2.86
CA PRO A 218 2.79 8.83 -2.26
C PRO A 218 1.53 8.79 -1.42
N VAL A 219 1.49 9.68 -0.43
CA VAL A 219 0.30 9.83 0.40
C VAL A 219 0.03 11.32 0.56
N ILE A 220 -1.25 11.68 0.65
CA ILE A 220 -1.67 13.08 0.68
C ILE A 220 -2.19 13.43 2.07
N GLY A 221 -1.72 14.54 2.62
CA GLY A 221 -2.35 15.01 3.84
C GLY A 221 -1.96 16.44 4.16
N ASN A 222 -2.55 16.96 5.24
CA ASN A 222 -2.15 18.26 5.81
C ASN A 222 -2.16 19.39 4.78
N THR A 223 -3.36 19.75 4.38
CA THR A 223 -3.56 20.84 3.40
C THR A 223 -2.90 20.45 2.08
N ASP A 224 -3.16 19.21 1.67
CA ASP A 224 -2.86 18.72 0.33
C ASP A 224 -1.37 18.52 0.06
N THR A 225 -0.57 18.38 1.10
CA THR A 225 0.85 18.06 0.93
C THR A 225 1.00 16.60 0.52
N ILE A 226 1.95 16.33 -0.39
CA ILE A 226 2.23 14.99 -0.89
C ILE A 226 3.53 14.51 -0.27
N TYR A 227 3.50 13.35 0.39
CA TYR A 227 4.66 12.76 1.05
C TYR A 227 5.05 11.45 0.39
N PHE A 228 6.35 11.18 0.31
CA PHE A 228 6.82 9.91 -0.22
C PHE A 228 8.27 9.72 0.21
N GLY A 229 8.67 8.47 0.37
CA GLY A 229 10.02 8.12 0.78
C GLY A 229 10.91 7.83 -0.42
N SER A 230 12.20 8.06 -0.24
CA SER A 230 13.17 7.96 -1.31
C SER A 230 14.29 6.99 -0.96
N TYR A 231 14.95 6.48 -2.00
CA TYR A 231 16.16 5.69 -1.78
C TYR A 231 17.34 6.56 -1.32
N ASP A 232 17.34 7.87 -1.57
CA ASP A 232 18.37 8.71 -0.96
C ASP A 232 18.22 8.82 0.57
N GLY A 233 17.24 8.12 1.16
CA GLY A 233 17.05 8.09 2.60
C GLY A 233 16.10 9.12 3.17
N HIS A 234 15.56 10.04 2.35
CA HIS A 234 14.70 11.12 2.82
C HIS A 234 13.22 10.81 2.61
N LEU A 235 12.41 11.12 3.62
CA LEU A 235 11.00 11.44 3.42
C LEU A 235 10.84 12.84 2.84
N TYR A 236 10.24 12.94 1.67
CA TYR A 236 9.96 14.22 1.01
C TYR A 236 8.52 14.64 1.28
N ALA A 237 8.33 15.94 1.52
CA ALA A 237 7.03 16.60 1.66
C ALA A 237 6.93 17.63 0.54
N ILE A 238 5.95 17.48 -0.34
CA ILE A 238 5.88 18.26 -1.59
C ILE A 238 4.63 19.10 -1.58
N ASN A 239 4.78 20.40 -1.78
CA ASN A 239 3.66 21.32 -1.92
C ASN A 239 2.81 20.93 -3.12
N PRO A 240 1.52 21.28 -3.11
CA PRO A 240 0.66 20.99 -4.27
C PRO A 240 1.10 21.66 -5.57
N ASP A 241 1.97 22.67 -5.53
CA ASP A 241 2.49 23.30 -6.74
C ASP A 241 3.75 22.62 -7.28
N GLY A 242 4.23 21.55 -6.66
CA GLY A 242 5.36 20.84 -7.20
C GLY A 242 6.70 21.27 -6.65
N THR A 243 6.70 22.11 -5.64
CA THR A 243 7.94 22.47 -4.99
C THR A 243 8.08 21.74 -3.68
N GLU A 244 9.33 21.48 -3.31
CA GLU A 244 9.64 20.79 -2.09
C GLU A 244 9.29 21.65 -0.89
N LYS A 245 8.57 21.09 0.07
CA LYS A 245 8.36 21.77 1.35
C LYS A 245 9.50 21.50 2.31
N TRP A 246 9.84 20.22 2.55
CA TRP A 246 10.99 19.86 3.37
C TRP A 246 11.33 18.40 3.14
N ARG A 247 12.48 18.00 3.67
CA ARG A 247 12.92 16.62 3.65
C ARG A 247 13.29 16.24 5.08
N PHE A 248 13.15 14.98 5.41
CA PHE A 248 13.65 14.49 6.69
C PHE A 248 14.52 13.29 6.38
N LYS A 249 15.75 13.30 6.91
CA LYS A 249 16.75 12.33 6.50
C LYS A 249 16.83 11.17 7.49
N THR A 250 16.89 9.95 6.96
CA THR A 250 17.15 8.76 7.74
C THR A 250 18.35 8.07 7.12
N ASN A 251 18.77 6.96 7.72
CA ASN A 251 19.98 6.33 7.25
C ASN A 251 19.76 5.21 6.23
N ASP A 252 18.52 4.82 5.96
CA ASP A 252 18.24 3.77 4.98
C ASP A 252 17.31 4.26 3.89
N ALA A 253 17.27 3.53 2.78
CA ALA A 253 16.24 3.77 1.79
C ALA A 253 14.88 3.56 2.41
N ILE A 254 13.91 4.34 1.96
CA ILE A 254 12.53 4.18 2.39
C ILE A 254 11.81 3.52 1.24
N THR A 255 11.22 2.35 1.50
CA THR A 255 10.64 1.55 0.43
C THR A 255 9.13 1.41 0.53
N SER A 256 8.49 2.01 1.52
CA SER A 256 7.05 1.86 1.69
C SER A 256 6.42 3.23 1.93
N ALA A 257 5.10 3.28 1.77
CA ALA A 257 4.39 4.54 1.91
C ALA A 257 4.41 4.99 3.36
N ALA A 258 4.20 6.29 3.56
CA ALA A 258 3.91 6.82 4.88
C ALA A 258 2.41 6.74 5.16
N SER A 259 2.07 6.95 6.43
CA SER A 259 0.72 7.02 6.94
C SER A 259 0.56 8.31 7.74
N ILE A 260 -0.62 8.91 7.66
CA ILE A 260 -0.89 10.19 8.32
C ILE A 260 -1.87 9.96 9.46
N GLY A 261 -1.45 10.26 10.67
CA GLY A 261 -2.33 10.20 11.83
C GLY A 261 -3.47 11.24 11.79
N LYS A 262 -4.31 11.24 12.82
CA LYS A 262 -5.47 12.11 12.82
C LYS A 262 -5.08 13.57 13.02
N ASP A 263 -4.06 13.82 13.83
CA ASP A 263 -3.55 15.17 14.03
C ASP A 263 -2.58 15.61 12.94
N GLY A 264 -2.40 14.80 11.89
CA GLY A 264 -1.51 15.16 10.81
C GLY A 264 -0.07 14.68 10.92
N THR A 265 0.31 14.05 12.04
CA THR A 265 1.59 13.36 12.14
C THR A 265 1.84 12.39 10.99
N ILE A 266 3.07 12.38 10.48
CA ILE A 266 3.48 11.52 9.40
C ILE A 266 4.34 10.39 9.96
N TYR A 267 3.89 9.15 9.77
CA TYR A 267 4.57 7.95 10.24
C TYR A 267 5.14 7.17 9.04
N PHE A 268 6.37 6.70 9.16
CA PHE A 268 6.94 5.84 8.13
C PHE A 268 8.05 5.01 8.73
N GLY A 269 8.43 3.94 8.03
CA GLY A 269 9.56 3.14 8.46
C GLY A 269 10.68 3.12 7.44
N SER A 270 11.93 3.26 7.90
CA SER A 270 13.09 2.76 7.14
C SER A 270 14.05 2.03 8.10
N ASP A 271 15.11 2.69 8.57
CA ASP A 271 15.96 2.04 9.57
C ASP A 271 15.28 1.98 10.93
N LYS A 272 14.41 2.95 11.24
CA LYS A 272 13.56 2.93 12.42
C LYS A 272 12.15 3.31 12.00
N VAL A 273 11.20 3.17 12.92
CA VAL A 273 9.90 3.80 12.74
C VAL A 273 10.03 5.25 13.16
N TYR A 274 9.54 6.17 12.33
CA TYR A 274 9.67 7.59 12.58
C TYR A 274 8.29 8.21 12.61
N ALA A 275 8.11 9.18 13.52
CA ALA A 275 6.92 10.03 13.59
C ALA A 275 7.37 11.47 13.37
N ILE A 276 6.74 12.18 12.44
CA ILE A 276 7.21 13.49 11.97
C ILE A 276 6.05 14.48 11.99
N ASN A 277 6.28 15.67 12.54
CA ASN A 277 5.25 16.69 12.58
C ASN A 277 5.02 17.26 11.18
N PRO A 278 3.85 17.83 10.93
CA PRO A 278 3.56 18.37 9.60
C PRO A 278 4.63 19.32 9.06
N ASP A 279 5.44 19.89 9.96
CA ASP A 279 6.38 20.93 9.59
C ASP A 279 7.77 20.39 9.31
N GLY A 280 7.96 19.07 9.41
CA GLY A 280 9.24 18.43 9.14
C GLY A 280 10.07 18.09 10.37
N THR A 281 9.66 18.50 11.55
CA THR A 281 10.49 18.21 12.72
C THR A 281 10.17 16.83 13.25
N GLU A 282 11.20 16.13 13.71
CA GLU A 282 11.00 14.79 14.22
C GLU A 282 10.26 14.82 15.54
N LYS A 283 9.15 14.09 15.61
CA LYS A 283 8.43 13.90 16.86
C LYS A 283 9.02 12.74 17.68
N TRP A 284 9.34 11.61 17.05
CA TRP A 284 10.13 10.58 17.72
C TRP A 284 10.55 9.57 16.66
N ASN A 285 11.39 8.64 17.11
CA ASN A 285 11.71 7.47 16.34
C ASN A 285 11.77 6.28 17.30
N PHE A 286 11.66 5.09 16.75
CA PHE A 286 11.52 3.85 17.51
C PHE A 286 12.24 2.75 16.75
N TYR A 287 13.19 2.10 17.43
CA TYR A 287 13.96 1.00 16.87
C TYR A 287 13.15 -0.29 16.95
N ALA A 288 12.95 -0.94 15.83
CA ALA A 288 12.12 -2.14 15.80
C ALA A 288 12.83 -3.30 15.08
N TRP A 291 15.76 -5.83 10.87
CA TRP A 291 15.18 -5.88 9.52
C TRP A 291 14.20 -4.76 9.21
N THR A 292 14.22 -4.29 7.97
CA THR A 292 13.34 -3.22 7.50
C THR A 292 11.90 -3.39 7.96
N VAL A 293 11.20 -2.27 8.05
CA VAL A 293 9.86 -2.18 8.57
C VAL A 293 8.93 -1.71 7.45
N THR A 294 7.69 -2.17 7.48
CA THR A 294 6.72 -1.87 6.44
C THR A 294 5.93 -0.60 6.78
N ARG A 295 4.87 -0.36 6.02
CA ARG A 295 4.04 0.81 6.17
C ARG A 295 3.23 0.79 7.48
N PRO A 296 3.34 1.81 8.34
CA PRO A 296 2.59 1.79 9.59
C PRO A 296 1.09 1.82 9.35
N ALA A 297 0.36 1.11 10.18
CA ALA A 297 -1.09 1.19 10.24
C ALA A 297 -1.47 1.82 11.58
N ILE A 298 -2.41 2.76 11.57
CA ILE A 298 -2.75 3.55 12.75
C ILE A 298 -4.18 3.24 13.14
N SER A 299 -4.39 2.78 14.37
CA SER A 299 -5.78 2.53 14.75
C SER A 299 -6.45 3.80 15.27
N GLU A 300 -7.78 3.67 15.48
CA GLU A 300 -8.61 4.78 15.94
C GLU A 300 -8.13 5.31 17.28
N ASP A 301 -7.63 4.44 18.14
CA ASP A 301 -7.14 4.91 19.42
C ASP A 301 -5.71 5.45 19.37
N GLY A 302 -5.13 5.57 18.16
CA GLY A 302 -3.78 6.11 17.99
C GLY A 302 -2.64 5.11 18.09
N THR A 303 -2.90 3.84 18.44
CA THR A 303 -1.82 2.85 18.41
C THR A 303 -1.30 2.71 16.98
N ILE A 304 0.03 2.56 16.87
CA ILE A 304 0.71 2.38 15.60
C ILE A 304 1.20 0.95 15.52
N TYR A 305 0.95 0.28 14.38
CA TYR A 305 1.39 -1.09 14.13
C TYR A 305 2.31 -1.13 12.92
N VAL A 306 3.46 -1.78 13.06
CA VAL A 306 4.30 -2.07 11.91
C VAL A 306 4.72 -3.52 11.98
N THR A 307 4.93 -4.14 10.81
CA THR A 307 5.57 -5.43 10.73
C THR A 307 7.01 -5.22 10.31
N SER A 308 7.86 -6.17 10.70
CA SER A 308 9.22 -6.24 10.17
C SER A 308 9.24 -7.35 9.12
N LEU A 309 10.17 -7.27 8.18
CA LEU A 309 10.17 -8.21 7.07
C LEU A 309 10.38 -9.62 7.53
N ASP A 310 10.98 -9.82 8.71
CA ASP A 310 11.27 -11.14 9.24
C ASP A 310 10.20 -11.67 10.16
N GLY A 311 8.97 -11.16 10.08
CA GLY A 311 7.84 -11.80 10.73
C GLY A 311 7.44 -11.30 12.12
N HIS A 312 7.88 -10.12 12.53
CA HIS A 312 7.40 -9.50 13.76
C HIS A 312 6.32 -8.47 13.46
N LEU A 313 5.30 -8.43 14.30
CA LEU A 313 4.34 -7.34 14.37
C LEU A 313 4.54 -6.54 15.68
N TYR A 314 4.80 -5.23 15.56
CA TYR A 314 5.01 -4.35 16.71
C TYR A 314 3.81 -3.44 16.91
N ALA A 315 3.35 -3.31 18.15
CA ALA A 315 2.38 -2.29 18.52
C ALA A 315 3.08 -1.19 19.31
N ILE A 316 2.87 0.06 18.91
CA ILE A 316 3.60 1.22 19.42
C ILE A 316 2.61 2.24 19.93
N ASN A 317 2.83 2.74 21.16
CA ASN A 317 2.04 3.85 21.72
C ASN A 317 2.24 5.14 20.93
N PRO A 318 1.28 6.07 21.03
CA PRO A 318 1.44 7.37 20.34
C PRO A 318 2.69 8.12 20.75
N ASP A 319 3.22 7.86 21.94
CA ASP A 319 4.44 8.53 22.35
C ASP A 319 5.67 7.84 21.83
N GLY A 320 5.52 6.79 21.02
CA GLY A 320 6.68 6.16 20.45
C GLY A 320 7.31 5.05 21.28
N THR A 321 6.66 4.62 22.36
CA THR A 321 7.16 3.48 23.14
C THR A 321 6.46 2.19 22.72
N GLU A 322 7.21 1.09 22.76
CA GLU A 322 6.66 -0.20 22.40
C GLU A 322 5.61 -0.62 23.41
N LYS A 323 4.53 -1.19 22.90
CA LYS A 323 3.46 -1.79 23.69
C LYS A 323 3.61 -3.31 23.77
N TRP A 324 3.75 -3.97 22.63
CA TRP A 324 4.05 -5.39 22.56
C TRP A 324 4.58 -5.69 21.16
N ARG A 325 4.97 -6.95 21.00
CA ARG A 325 5.60 -7.47 19.80
C ARG A 325 5.11 -8.90 19.62
N PHE A 326 4.46 -9.18 18.49
CA PHE A 326 4.01 -10.53 18.17
C PHE A 326 4.99 -11.14 17.16
N LYS A 327 5.32 -12.41 17.34
CA LYS A 327 6.28 -13.09 16.48
C LYS A 327 5.59 -14.23 15.75
N THR A 328 5.94 -14.43 14.47
CA THR A 328 5.34 -15.50 13.68
C THR A 328 5.87 -16.87 14.12
N GLU A 329 7.17 -17.11 13.95
CA GLU A 329 7.80 -18.31 14.51
C GLU A 329 8.88 -17.91 15.52
#